data_4QI2
#
_entry.id   4QI2
#
_cell.length_a   56.560
_cell.length_b   60.410
_cell.length_c   84.370
_cell.angle_alpha   105.68
_cell.angle_beta   101.36
_cell.angle_gamma   95.72
#
_symmetry.space_group_name_H-M   'P 1'
#
loop_
_entity.id
_entity.type
_entity.pdbx_description
1 polymer Roquin-1
2 polymer "RNA (5'-R(*AP*CP*AP*UP*GP*UP*UP*UP*UP*CP*UP*GP*UP*GP*AP*AP*AP*AP*CP*GP*GP*AP*G)-3')"
3 water water
#
loop_
_entity_poly.entity_id
_entity_poly.type
_entity_poly.pdbx_seq_one_letter_code
_entity_poly.pdbx_strand_id
1 'polypeptide(L)'
;EEEGRIRAMRAARSLGERTVTELILQHQNPQQLSSNLWAAVRARGCQFLGPAMQEEALKLVLLALEDGSALSRKVLVLFV
VQRLEPRFPQASKTSIGHVVQLLYRASCFKVTKRDEDSSLMQLKEEFRTYEALRREHDSQIVQIAMEAGLRIAPDQWSSL
LYGDQSHKSHMQSIIDKLQT
;
A,B,C,D
2 'polyribonucleotide' ACAUGUUUUCUGUGAAAACGGAG E,F,G,H
#
# COMPACT_ATOMS: atom_id res chain seq x y z
N HIS A 27 -24.00 -26.48 -26.75
CA HIS A 27 -23.85 -25.33 -27.68
C HIS A 27 -23.63 -23.98 -26.98
N GLN A 28 -22.36 -23.54 -26.88
CA GLN A 28 -22.01 -22.29 -26.15
C GLN A 28 -20.79 -21.50 -26.65
N ASN A 29 -20.97 -20.18 -26.77
CA ASN A 29 -19.93 -19.28 -27.32
C ASN A 29 -19.01 -18.78 -26.20
N PRO A 30 -17.81 -18.25 -26.56
CA PRO A 30 -16.91 -17.64 -25.56
C PRO A 30 -17.60 -16.82 -24.46
N GLN A 31 -18.12 -15.63 -24.76
CA GLN A 31 -18.72 -14.76 -23.74
C GLN A 31 -19.97 -15.34 -23.03
N GLN A 32 -20.58 -16.38 -23.59
CA GLN A 32 -21.59 -17.15 -22.85
C GLN A 32 -20.95 -17.93 -21.69
N LEU A 33 -19.80 -18.57 -21.95
CA LEU A 33 -19.06 -19.32 -20.90
C LEU A 33 -18.45 -18.44 -19.78
N SER A 34 -17.78 -17.35 -20.15
CA SER A 34 -17.18 -16.47 -19.15
C SER A 34 -18.26 -16.07 -18.16
N SER A 35 -19.29 -15.43 -18.68
CA SER A 35 -20.37 -14.89 -17.88
C SER A 35 -20.92 -15.96 -16.93
N ASN A 36 -21.07 -17.17 -17.46
CA ASN A 36 -21.63 -18.22 -16.64
C ASN A 36 -20.65 -18.66 -15.59
N LEU A 37 -19.36 -18.68 -15.94
CA LEU A 37 -18.36 -19.01 -14.95
C LEU A 37 -18.43 -17.99 -13.83
N TRP A 38 -18.27 -16.72 -14.15
CA TRP A 38 -18.27 -15.73 -13.07
C TRP A 38 -19.52 -15.77 -12.24
N ALA A 39 -20.65 -16.06 -12.89
CA ALA A 39 -21.94 -16.23 -12.22
C ALA A 39 -21.93 -17.37 -11.17
N ALA A 40 -21.44 -18.54 -11.56
CA ALA A 40 -21.39 -19.68 -10.64
C ALA A 40 -20.43 -19.43 -9.52
N VAL A 41 -19.41 -18.64 -9.81
CA VAL A 41 -18.39 -18.32 -8.84
C VAL A 41 -18.99 -17.38 -7.81
N ARG A 42 -19.63 -16.31 -8.29
CA ARG A 42 -20.23 -15.35 -7.37
C ARG A 42 -21.23 -16.09 -6.53
N ALA A 43 -21.88 -17.06 -7.15
CA ALA A 43 -22.94 -17.81 -6.51
C ALA A 43 -22.49 -18.66 -5.33
N ARG A 44 -21.19 -18.79 -5.13
CA ARG A 44 -20.67 -19.53 -4.01
C ARG A 44 -19.95 -18.63 -3.04
N GLY A 45 -20.15 -17.34 -3.23
CA GLY A 45 -19.56 -16.33 -2.36
C GLY A 45 -18.09 -16.17 -2.63
N CYS A 46 -17.71 -16.42 -3.88
CA CYS A 46 -16.33 -16.35 -4.30
C CYS A 46 -16.25 -15.30 -5.36
N GLN A 47 -15.04 -14.97 -5.81
CA GLN A 47 -14.86 -13.90 -6.80
C GLN A 47 -13.45 -13.86 -7.38
N PHE A 48 -13.34 -13.41 -8.62
CA PHE A 48 -12.06 -13.26 -9.28
C PHE A 48 -12.02 -11.83 -9.76
N LEU A 49 -10.96 -11.12 -9.37
CA LEU A 49 -10.91 -9.66 -9.53
C LEU A 49 -10.11 -9.25 -10.76
N GLY A 50 -9.95 -10.16 -11.69
CA GLY A 50 -9.09 -9.93 -12.81
C GLY A 50 -7.71 -10.42 -12.46
N PRO A 51 -6.93 -10.76 -13.49
CA PRO A 51 -5.66 -11.49 -13.31
C PRO A 51 -4.65 -10.78 -12.43
N ALA A 52 -4.55 -9.46 -12.58
CA ALA A 52 -3.56 -8.67 -11.86
C ALA A 52 -3.87 -8.52 -10.37
N MET A 53 -5.09 -8.05 -10.10
CA MET A 53 -5.53 -7.92 -8.74
C MET A 53 -5.64 -9.26 -7.98
N GLN A 54 -6.07 -10.31 -8.66
CA GLN A 54 -6.10 -11.57 -7.97
C GLN A 54 -4.68 -12.02 -7.66
N GLU A 55 -3.73 -11.76 -8.56
CA GLU A 55 -2.36 -12.16 -8.31
C GLU A 55 -1.85 -11.47 -7.04
N GLU A 56 -2.13 -10.19 -6.93
CA GLU A 56 -1.57 -9.44 -5.84
C GLU A 56 -2.21 -9.87 -4.53
N ALA A 57 -3.52 -10.12 -4.55
CA ALA A 57 -4.22 -10.59 -3.35
C ALA A 57 -3.57 -11.84 -2.80
N LEU A 58 -3.51 -12.86 -3.63
CA LEU A 58 -2.96 -14.14 -3.20
C LEU A 58 -1.55 -13.99 -2.64
N LYS A 59 -0.73 -13.17 -3.31
CA LYS A 59 0.57 -12.87 -2.77
C LYS A 59 0.50 -12.33 -1.34
N LEU A 60 -0.40 -11.39 -1.11
CA LEU A 60 -0.58 -10.89 0.25
C LEU A 60 -1.07 -11.95 1.22
N VAL A 61 -1.81 -12.93 0.75
CA VAL A 61 -2.31 -13.92 1.67
C VAL A 61 -1.10 -14.70 2.16
N LEU A 62 -0.30 -15.17 1.21
CA LEU A 62 1.00 -15.80 1.50
C LEU A 62 1.83 -14.98 2.47
N LEU A 63 2.04 -13.71 2.13
CA LEU A 63 2.84 -12.83 2.94
C LEU A 63 2.36 -12.96 4.36
N ALA A 64 1.05 -12.86 4.54
CA ALA A 64 0.41 -13.03 5.84
C ALA A 64 0.68 -14.37 6.52
N LEU A 65 0.49 -15.45 5.78
CA LEU A 65 0.44 -16.74 6.41
C LEU A 65 1.54 -17.74 6.09
N GLU A 66 2.58 -17.33 5.39
CA GLU A 66 3.63 -18.29 4.99
C GLU A 66 4.51 -18.72 6.18
N ASP A 67 4.79 -17.77 7.06
CA ASP A 67 5.49 -18.07 8.32
C ASP A 67 4.71 -18.98 9.28
N GLY A 68 3.51 -19.40 8.92
CA GLY A 68 2.68 -20.22 9.80
C GLY A 68 1.84 -19.42 10.78
N SER A 69 1.94 -18.09 10.72
CA SER A 69 0.98 -17.25 11.40
C SER A 69 -0.44 -17.85 11.27
N ALA A 70 -1.24 -17.69 12.31
CA ALA A 70 -2.64 -18.06 12.25
C ALA A 70 -3.43 -16.83 12.51
N LEU A 71 -4.32 -16.48 11.59
CA LEU A 71 -5.13 -15.25 11.72
C LEU A 71 -6.58 -15.59 11.61
N SER A 72 -7.42 -14.81 12.24
CA SER A 72 -8.86 -14.95 12.02
C SER A 72 -9.15 -14.44 10.65
N ARG A 73 -10.33 -14.77 10.16
CA ARG A 73 -10.70 -14.44 8.81
C ARG A 73 -10.65 -12.95 8.65
N LYS A 74 -10.97 -12.23 9.71
CA LYS A 74 -11.20 -10.77 9.63
C LYS A 74 -9.90 -10.03 9.59
N VAL A 75 -9.01 -10.34 10.51
CA VAL A 75 -7.67 -9.83 10.43
C VAL A 75 -7.07 -10.08 9.04
N LEU A 76 -7.17 -11.33 8.59
CA LEU A 76 -6.61 -11.74 7.33
C LEU A 76 -7.06 -10.85 6.21
N VAL A 77 -8.36 -10.63 6.15
CA VAL A 77 -8.92 -9.82 5.06
C VAL A 77 -8.38 -8.42 5.11
N LEU A 78 -8.47 -7.84 6.31
CA LEU A 78 -7.97 -6.51 6.55
C LEU A 78 -6.56 -6.47 6.08
N PHE A 79 -5.74 -7.36 6.62
CA PHE A 79 -4.32 -7.35 6.34
C PHE A 79 -4.01 -7.23 4.88
N VAL A 80 -4.69 -8.03 4.08
CA VAL A 80 -4.66 -7.89 2.63
C VAL A 80 -5.26 -6.56 2.20
N VAL A 81 -6.51 -6.30 2.56
CA VAL A 81 -7.17 -5.12 2.06
C VAL A 81 -6.29 -3.88 2.22
N GLN A 82 -5.66 -3.76 3.37
CA GLN A 82 -4.82 -2.61 3.68
C GLN A 82 -3.64 -2.50 2.74
N ARG A 83 -2.91 -3.59 2.49
CA ARG A 83 -1.74 -3.50 1.62
C ARG A 83 -2.10 -3.36 0.18
N LEU A 84 -3.31 -3.74 -0.15
CA LEU A 84 -3.78 -3.75 -1.53
C LEU A 84 -4.44 -2.41 -1.94
N GLU A 85 -5.02 -1.70 -0.96
CA GLU A 85 -5.75 -0.45 -1.22
C GLU A 85 -4.92 0.59 -1.99
N PRO A 86 -3.65 0.79 -1.58
CA PRO A 86 -2.78 1.70 -2.27
C PRO A 86 -2.86 1.59 -3.79
N ARG A 87 -2.58 0.41 -4.36
CA ARG A 87 -2.59 0.29 -5.82
C ARG A 87 -4.00 0.02 -6.39
N PHE A 88 -4.80 -0.76 -5.69
CA PHE A 88 -6.16 -1.12 -6.15
C PHE A 88 -7.19 -0.54 -5.21
N PRO A 89 -7.63 0.68 -5.48
CA PRO A 89 -8.45 1.40 -4.52
C PRO A 89 -9.85 0.81 -4.41
N GLN A 90 -10.19 -0.07 -5.33
CA GLN A 90 -11.43 -0.81 -5.28
C GLN A 90 -11.53 -1.77 -4.09
N ALA A 91 -10.41 -2.37 -3.73
CA ALA A 91 -10.35 -3.43 -2.70
C ALA A 91 -11.14 -3.11 -1.45
N SER A 92 -11.94 -4.07 -0.98
CA SER A 92 -12.89 -3.88 0.14
C SER A 92 -12.87 -5.10 1.00
N LYS A 93 -13.23 -4.94 2.26
CA LYS A 93 -13.35 -6.13 3.13
C LYS A 93 -14.17 -7.20 2.38
N THR A 94 -15.16 -6.74 1.58
CA THR A 94 -16.14 -7.61 0.92
C THR A 94 -15.44 -8.47 -0.09
N SER A 95 -14.87 -7.82 -1.10
CA SER A 95 -14.32 -8.50 -2.26
C SER A 95 -13.22 -9.47 -1.87
N ILE A 96 -12.27 -8.96 -1.09
CA ILE A 96 -11.20 -9.77 -0.61
C ILE A 96 -11.78 -10.90 0.21
N GLY A 97 -12.72 -10.57 1.12
CA GLY A 97 -13.53 -11.61 1.76
C GLY A 97 -13.96 -12.77 0.83
N HIS A 98 -14.45 -12.45 -0.37
CA HIS A 98 -14.80 -13.47 -1.31
C HIS A 98 -13.61 -14.31 -1.68
N VAL A 99 -12.59 -13.65 -2.20
CA VAL A 99 -11.35 -14.33 -2.56
C VAL A 99 -10.85 -15.27 -1.47
N VAL A 100 -10.81 -14.78 -0.26
CA VAL A 100 -10.53 -15.68 0.84
C VAL A 100 -11.51 -16.89 0.82
N GLN A 101 -12.82 -16.65 0.59
CA GLN A 101 -13.80 -17.73 0.57
C GLN A 101 -13.44 -18.73 -0.53
N LEU A 102 -12.99 -18.25 -1.67
CA LEU A 102 -12.50 -19.19 -2.69
C LEU A 102 -11.45 -20.15 -2.12
N LEU A 103 -10.46 -19.62 -1.39
CA LEU A 103 -9.40 -20.46 -0.90
C LEU A 103 -9.95 -21.35 0.16
N TYR A 104 -10.79 -20.78 1.00
CA TYR A 104 -11.47 -21.55 2.03
C TYR A 104 -12.11 -22.79 1.43
N ARG A 105 -12.86 -22.59 0.34
CA ARG A 105 -13.55 -23.69 -0.32
C ARG A 105 -12.57 -24.71 -0.92
N ALA A 106 -11.49 -24.21 -1.54
CA ALA A 106 -10.39 -25.06 -2.04
C ALA A 106 -9.55 -25.67 -0.90
N SER A 107 -10.05 -25.63 0.33
CA SER A 107 -9.44 -26.35 1.41
C SER A 107 -7.95 -26.07 1.56
N CYS A 108 -7.55 -24.80 1.43
CA CYS A 108 -6.16 -24.41 1.73
C CYS A 108 -5.93 -24.07 3.19
N PHE A 109 -6.98 -23.70 3.91
CA PHE A 109 -6.76 -23.26 5.26
C PHE A 109 -6.95 -24.42 6.19
N LYS A 110 -6.21 -24.38 7.28
CA LYS A 110 -6.22 -25.38 8.33
C LYS A 110 -6.90 -24.61 9.45
N VAL A 111 -8.21 -24.78 9.50
CA VAL A 111 -9.07 -23.99 10.37
C VAL A 111 -9.03 -24.60 11.76
N THR A 112 -9.20 -23.76 12.75
CA THR A 112 -9.04 -24.13 14.12
C THR A 112 -10.10 -23.42 14.94
N LYS A 113 -11.05 -24.18 15.49
CA LYS A 113 -12.22 -23.63 16.21
C LYS A 113 -11.87 -23.06 17.57
N ARG A 114 -12.70 -22.14 18.03
CA ARG A 114 -12.56 -21.56 19.37
C ARG A 114 -13.96 -21.36 19.89
N ASP A 115 -14.16 -21.74 21.16
CA ASP A 115 -15.46 -21.68 21.81
C ASP A 115 -15.99 -20.25 21.70
N GLU A 116 -17.13 -20.12 21.03
CA GLU A 116 -17.78 -18.83 20.86
C GLU A 116 -16.83 -17.68 20.53
N ASP A 117 -15.84 -17.97 19.69
CA ASP A 117 -14.89 -16.97 19.19
C ASP A 117 -14.61 -17.30 17.74
N SER A 118 -14.07 -16.30 17.04
CA SER A 118 -13.62 -16.45 15.67
C SER A 118 -12.68 -17.64 15.54
N SER A 119 -12.94 -18.51 14.58
CA SER A 119 -11.97 -19.54 14.26
C SER A 119 -10.64 -18.94 13.78
N LEU A 120 -9.55 -19.68 13.96
CA LEU A 120 -8.23 -19.27 13.51
C LEU A 120 -7.92 -20.02 12.28
N MET A 121 -7.22 -19.37 11.38
CA MET A 121 -6.94 -19.93 10.09
C MET A 121 -5.45 -19.94 9.76
N GLN A 122 -4.96 -21.10 9.31
CA GLN A 122 -3.59 -21.26 8.86
C GLN A 122 -3.51 -21.83 7.44
N LEU A 123 -2.41 -21.55 6.75
CA LEU A 123 -2.21 -22.13 5.42
C LEU A 123 -1.54 -23.45 5.60
N LYS A 124 -2.20 -24.50 5.15
CA LYS A 124 -1.60 -25.81 5.14
C LYS A 124 -0.18 -25.71 4.57
N GLU A 125 0.74 -26.42 5.22
CA GLU A 125 2.15 -26.42 4.82
C GLU A 125 2.32 -26.51 3.30
N GLU A 126 1.62 -27.44 2.67
CA GLU A 126 1.78 -27.66 1.24
C GLU A 126 1.54 -26.42 0.44
N PHE A 127 0.66 -25.57 0.91
CA PHE A 127 0.32 -24.38 0.14
C PHE A 127 1.09 -23.13 0.51
N ARG A 128 2.17 -23.26 1.26
CA ARG A 128 2.90 -22.08 1.66
C ARG A 128 3.92 -21.55 0.66
N THR A 129 3.83 -21.99 -0.61
CA THR A 129 4.59 -21.42 -1.71
C THR A 129 3.54 -20.80 -2.65
N TYR A 130 3.90 -19.78 -3.43
CA TYR A 130 2.94 -19.14 -4.35
C TYR A 130 2.50 -20.09 -5.44
N GLU A 131 3.48 -20.69 -6.11
CA GLU A 131 3.25 -21.68 -7.16
C GLU A 131 2.13 -22.61 -6.68
N ALA A 132 2.36 -23.22 -5.53
CA ALA A 132 1.45 -24.17 -4.87
C ALA A 132 0.08 -23.62 -4.59
N LEU A 133 0.02 -22.45 -4.01
CA LEU A 133 -1.24 -21.81 -3.74
C LEU A 133 -1.99 -21.45 -5.02
N ARG A 134 -1.33 -20.75 -5.93
CA ARG A 134 -2.01 -20.24 -7.12
C ARG A 134 -2.62 -21.38 -7.90
N ARG A 135 -1.93 -22.53 -7.86
CA ARG A 135 -2.40 -23.76 -8.51
C ARG A 135 -3.73 -24.15 -7.91
N GLU A 136 -3.72 -24.45 -6.61
CA GLU A 136 -4.93 -24.86 -5.88
C GLU A 136 -6.06 -23.85 -6.03
N HIS A 137 -5.70 -22.61 -6.17
CA HIS A 137 -6.67 -21.58 -6.45
C HIS A 137 -7.28 -21.75 -7.83
N ASP A 138 -6.43 -21.89 -8.82
CA ASP A 138 -6.92 -22.04 -10.17
C ASP A 138 -7.75 -23.32 -10.25
N SER A 139 -7.17 -24.40 -9.76
CA SER A 139 -7.83 -25.67 -9.78
C SER A 139 -9.26 -25.53 -9.29
N GLN A 140 -9.46 -24.76 -8.22
CA GLN A 140 -10.79 -24.62 -7.63
C GLN A 140 -11.77 -23.94 -8.58
N ILE A 141 -11.28 -22.92 -9.28
CA ILE A 141 -12.14 -22.25 -10.19
C ILE A 141 -12.64 -23.30 -11.18
N VAL A 142 -11.75 -24.14 -11.69
CA VAL A 142 -12.15 -25.17 -12.61
C VAL A 142 -13.18 -26.11 -12.00
N GLN A 143 -12.96 -26.58 -10.78
CA GLN A 143 -13.89 -27.58 -10.19
C GLN A 143 -15.28 -26.98 -10.13
N ILE A 144 -15.35 -25.66 -10.02
CA ILE A 144 -16.61 -24.99 -10.04
C ILE A 144 -17.16 -25.16 -11.44
N ALA A 145 -16.38 -24.77 -12.43
CA ALA A 145 -16.80 -24.93 -13.83
C ALA A 145 -17.33 -26.32 -14.04
N MET A 146 -16.65 -27.33 -13.49
CA MET A 146 -17.08 -28.69 -13.64
C MET A 146 -18.39 -28.83 -12.91
N GLU A 147 -18.43 -28.57 -11.62
CA GLU A 147 -19.73 -28.54 -10.94
C GLU A 147 -20.82 -27.86 -11.76
N ALA A 148 -20.46 -26.90 -12.58
CA ALA A 148 -21.45 -26.16 -13.35
C ALA A 148 -21.64 -26.68 -14.76
N GLY A 149 -21.02 -27.82 -15.08
CA GLY A 149 -21.08 -28.40 -16.44
C GLY A 149 -20.67 -27.41 -17.52
N LEU A 150 -19.46 -26.90 -17.42
CA LEU A 150 -18.96 -25.89 -18.36
C LEU A 150 -17.60 -26.30 -18.97
N ARG A 151 -17.63 -26.87 -20.17
CA ARG A 151 -16.39 -27.27 -20.86
C ARG A 151 -15.66 -26.05 -21.44
N ILE A 152 -14.55 -25.66 -20.79
CA ILE A 152 -13.69 -24.58 -21.26
C ILE A 152 -12.30 -25.09 -21.60
N ALA A 153 -11.71 -24.57 -22.65
CA ALA A 153 -10.43 -25.11 -23.10
C ALA A 153 -9.28 -24.34 -22.47
N PRO A 154 -8.15 -25.02 -22.26
CA PRO A 154 -6.93 -24.37 -21.76
C PRO A 154 -6.66 -23.00 -22.37
N ASP A 155 -6.69 -22.88 -23.69
CA ASP A 155 -6.42 -21.59 -24.28
C ASP A 155 -7.28 -20.46 -23.68
N GLN A 156 -8.56 -20.73 -23.37
CA GLN A 156 -9.45 -19.74 -22.78
C GLN A 156 -9.25 -19.52 -21.27
N TRP A 157 -9.13 -20.61 -20.52
CA TRP A 157 -8.70 -20.52 -19.15
C TRP A 157 -7.55 -19.55 -19.04
N SER A 158 -6.46 -19.80 -19.76
CA SER A 158 -5.30 -18.90 -19.70
C SER A 158 -5.67 -17.46 -20.02
N SER A 159 -6.64 -17.24 -20.89
CA SER A 159 -7.12 -15.87 -21.05
C SER A 159 -7.77 -15.41 -19.76
N LEU A 160 -8.83 -16.10 -19.35
CA LEU A 160 -9.64 -15.74 -18.19
C LEU A 160 -8.87 -15.46 -16.90
N LEU A 161 -7.87 -16.29 -16.61
CA LEU A 161 -7.18 -16.26 -15.31
C LEU A 161 -5.86 -15.54 -15.29
N TYR A 162 -5.21 -15.44 -16.45
CA TYR A 162 -3.95 -14.68 -16.55
C TYR A 162 -3.93 -13.52 -17.56
N GLY A 163 -5.05 -13.26 -18.21
CA GLY A 163 -5.14 -12.17 -19.18
C GLY A 163 -4.24 -12.35 -20.39
N ASP A 164 -3.85 -13.59 -20.68
CA ASP A 164 -2.89 -13.88 -21.76
C ASP A 164 -2.88 -15.38 -22.11
N GLN A 165 -2.00 -15.76 -23.05
CA GLN A 165 -1.93 -17.15 -23.50
C GLN A 165 -0.75 -17.92 -22.94
N SER A 166 -0.05 -17.31 -21.98
CA SER A 166 1.20 -17.86 -21.43
C SER A 166 1.02 -19.04 -20.49
N HIS A 167 -0.22 -19.44 -20.21
CA HIS A 167 -0.50 -20.45 -19.19
C HIS A 167 -1.44 -21.58 -19.64
N LYS A 168 -1.51 -21.88 -20.95
CA LYS A 168 -2.29 -23.04 -21.39
C LYS A 168 -1.73 -24.33 -20.76
N SER A 169 -0.41 -24.50 -20.82
CA SER A 169 0.22 -25.73 -20.34
C SER A 169 -0.18 -25.93 -18.92
N HIS A 170 -0.02 -24.86 -18.16
CA HIS A 170 -0.40 -24.85 -16.75
C HIS A 170 -1.86 -25.29 -16.61
N MET A 171 -2.75 -24.61 -17.32
CA MET A 171 -4.17 -24.90 -17.19
C MET A 171 -4.52 -26.34 -17.63
N GLN A 172 -3.95 -26.76 -18.74
CA GLN A 172 -4.18 -28.10 -19.22
C GLN A 172 -3.84 -29.06 -18.10
N SER A 173 -2.70 -28.83 -17.43
CA SER A 173 -2.25 -29.74 -16.37
C SER A 173 -3.27 -29.81 -15.23
N ILE A 174 -3.84 -28.66 -14.91
CA ILE A 174 -4.84 -28.56 -13.85
C ILE A 174 -6.06 -29.37 -14.22
N ILE A 175 -6.58 -29.10 -15.40
CA ILE A 175 -7.75 -29.84 -15.88
C ILE A 175 -7.50 -31.36 -15.84
N ASP A 176 -6.36 -31.81 -16.36
CA ASP A 176 -6.04 -33.24 -16.40
C ASP A 176 -5.92 -33.83 -14.96
N LYS A 177 -5.25 -33.12 -14.05
CA LYS A 177 -5.04 -33.62 -12.69
C LYS A 177 -6.31 -33.63 -11.84
N LEU A 178 -7.40 -33.02 -12.32
CA LEU A 178 -8.73 -33.26 -11.76
C LEU A 178 -9.30 -34.50 -12.38
N GLN A 179 -9.51 -34.46 -13.69
CA GLN A 179 -10.06 -35.58 -14.45
C GLN A 179 -9.13 -36.79 -14.27
N HIS B 27 37.51 -17.10 -11.85
CA HIS B 27 38.04 -15.71 -11.65
C HIS B 27 37.07 -14.80 -10.86
N GLN B 28 35.75 -14.99 -10.98
CA GLN B 28 34.77 -14.42 -10.03
C GLN B 28 33.58 -15.33 -9.67
N ASN B 29 33.33 -15.48 -8.38
CA ASN B 29 32.28 -16.37 -7.87
C ASN B 29 30.93 -15.63 -7.79
N PRO B 30 29.81 -16.37 -7.71
CA PRO B 30 28.49 -15.76 -7.51
C PRO B 30 28.47 -14.55 -6.54
N GLN B 31 28.61 -14.76 -5.23
CA GLN B 31 28.50 -13.67 -4.25
C GLN B 31 29.57 -12.57 -4.38
N GLN B 32 30.65 -12.83 -5.11
CA GLN B 32 31.58 -11.75 -5.52
C GLN B 32 30.90 -10.82 -6.53
N LEU B 33 30.20 -11.36 -7.51
CA LEU B 33 29.46 -10.55 -8.53
C LEU B 33 28.24 -9.75 -7.98
N SER B 34 27.39 -10.39 -7.18
CA SER B 34 26.23 -9.69 -6.58
C SER B 34 26.70 -8.44 -5.85
N SER B 35 27.58 -8.67 -4.86
CA SER B 35 28.10 -7.60 -4.04
C SER B 35 28.66 -6.44 -4.87
N ASN B 36 29.40 -6.79 -5.92
CA ASN B 36 29.98 -5.77 -6.78
C ASN B 36 28.94 -5.07 -7.61
N LEU B 37 27.93 -5.80 -8.05
CA LEU B 37 26.82 -5.17 -8.74
C LEU B 37 26.15 -4.17 -7.80
N TRP B 38 25.69 -4.62 -6.65
CA TRP B 38 24.99 -3.66 -5.77
C TRP B 38 25.84 -2.45 -5.41
N ALA B 39 27.14 -2.70 -5.24
CA ALA B 39 28.11 -1.64 -4.97
C ALA B 39 28.16 -0.56 -6.08
N ALA B 40 28.28 -0.99 -7.32
CA ALA B 40 28.33 -0.05 -8.44
C ALA B 40 27.03 0.68 -8.59
N VAL B 41 25.95 0.02 -8.19
CA VAL B 41 24.61 0.56 -8.30
C VAL B 41 24.47 1.67 -7.26
N ARG B 42 24.82 1.33 -6.02
CA ARG B 42 24.71 2.29 -4.95
C ARG B 42 25.55 3.46 -5.33
N ALA B 43 26.67 3.17 -5.99
CA ALA B 43 27.67 4.18 -6.31
C ALA B 43 27.20 5.22 -7.32
N ARG B 44 26.03 4.98 -7.92
CA ARG B 44 25.44 5.94 -8.85
C ARG B 44 24.17 6.58 -8.28
N GLY B 45 23.96 6.37 -6.98
CA GLY B 45 22.80 6.89 -6.29
C GLY B 45 21.54 6.15 -6.67
N CYS B 46 21.71 4.87 -6.99
CA CYS B 46 20.62 4.03 -7.40
C CYS B 46 20.54 2.90 -6.41
N GLN B 47 19.52 2.07 -6.53
CA GLN B 47 19.32 0.98 -5.56
C GLN B 47 18.26 -0.02 -6.02
N PHE B 48 18.40 -1.25 -5.57
CA PHE B 48 17.43 -2.30 -5.84
C PHE B 48 17.04 -2.88 -4.49
N LEU B 49 15.74 -2.90 -4.22
CA LEU B 49 15.24 -3.19 -2.88
C LEU B 49 14.80 -4.62 -2.72
N GLY B 50 15.29 -5.48 -3.60
CA GLY B 50 14.78 -6.84 -3.67
C GLY B 50 13.62 -6.92 -4.63
N PRO B 51 13.41 -8.10 -5.21
CA PRO B 51 12.50 -8.26 -6.34
C PRO B 51 11.08 -7.78 -6.08
N ALA B 52 10.57 -8.07 -4.88
CA ALA B 52 9.18 -7.80 -4.55
C ALA B 52 8.93 -6.32 -4.35
N MET B 53 9.72 -5.72 -3.48
CA MET B 53 9.65 -4.29 -3.26
C MET B 53 9.98 -3.43 -4.50
N GLN B 54 10.94 -3.84 -5.31
CA GLN B 54 11.19 -3.09 -6.55
C GLN B 54 9.97 -3.19 -7.46
N GLU B 55 9.33 -4.35 -7.51
CA GLU B 55 8.19 -4.53 -8.38
C GLU B 55 7.08 -3.59 -7.98
N GLU B 56 6.85 -3.50 -6.68
CA GLU B 56 5.74 -2.71 -6.23
C GLU B 56 6.03 -1.24 -6.43
N ALA B 57 7.27 -0.83 -6.20
CA ALA B 57 7.66 0.57 -6.43
C ALA B 57 7.33 0.98 -7.84
N LEU B 58 7.92 0.28 -8.78
CA LEU B 58 7.77 0.62 -10.18
C LEU B 58 6.31 0.69 -10.54
N LYS B 59 5.53 -0.27 -10.08
CA LYS B 59 4.10 -0.19 -10.30
C LYS B 59 3.51 1.15 -9.81
N LEU B 60 3.89 1.57 -8.60
CA LEU B 60 3.38 2.84 -8.12
C LEU B 60 3.87 4.01 -8.95
N VAL B 61 5.03 3.89 -9.58
CA VAL B 61 5.52 5.01 -10.37
C VAL B 61 4.56 5.15 -11.52
N LEU B 62 4.33 4.04 -12.21
CA LEU B 62 3.33 3.96 -13.26
C LEU B 62 1.98 4.50 -12.85
N LEU B 63 1.46 4.00 -11.73
CA LEU B 63 0.20 4.45 -11.23
C LEU B 63 0.18 5.96 -11.21
N ALA B 64 1.23 6.53 -10.65
CA ALA B 64 1.42 7.99 -10.63
C ALA B 64 1.43 8.65 -12.01
N LEU B 65 2.22 8.11 -12.92
CA LEU B 65 2.52 8.82 -14.14
C LEU B 65 2.01 8.26 -15.46
N GLU B 66 1.17 7.23 -15.44
CA GLU B 66 0.72 6.59 -16.69
C GLU B 66 -0.30 7.45 -17.44
N ASP B 67 -1.19 8.12 -16.69
CA ASP B 67 -2.10 9.11 -17.26
C ASP B 67 -1.41 10.34 -17.87
N GLY B 68 -0.09 10.41 -17.85
CA GLY B 68 0.65 11.58 -18.34
C GLY B 68 0.83 12.68 -17.31
N SER B 69 0.28 12.49 -16.11
CA SER B 69 0.60 13.38 -15.00
C SER B 69 2.11 13.76 -15.05
N ALA B 70 2.41 14.98 -14.65
CA ALA B 70 3.78 15.40 -14.49
C ALA B 70 3.94 15.78 -13.05
N LEU B 71 4.91 15.17 -12.38
CA LEU B 71 5.15 15.45 -10.95
C LEU B 71 6.61 15.83 -10.74
N SER B 72 6.86 16.62 -9.72
CA SER B 72 8.23 16.90 -9.34
C SER B 72 8.77 15.65 -8.68
N ARG B 73 10.09 15.62 -8.55
CA ARG B 73 10.76 14.45 -8.07
C ARG B 73 10.26 14.14 -6.71
N LYS B 74 9.92 15.18 -5.97
CA LYS B 74 9.63 15.05 -4.53
C LYS B 74 8.22 14.53 -4.31
N VAL B 75 7.26 15.14 -4.97
CA VAL B 75 5.91 14.61 -4.96
C VAL B 75 5.93 13.13 -5.34
N LEU B 76 6.58 12.86 -6.47
CA LEU B 76 6.65 11.52 -7.00
C LEU B 76 7.11 10.52 -5.95
N VAL B 77 8.21 10.84 -5.27
CA VAL B 77 8.77 9.93 -4.29
C VAL B 77 7.79 9.71 -3.17
N LEU B 78 7.29 10.81 -2.64
CA LEU B 78 6.31 10.76 -1.59
C LEU B 78 5.19 9.87 -2.03
N PHE B 79 4.61 10.20 -3.17
CA PHE B 79 3.46 9.47 -3.66
C PHE B 79 3.63 7.99 -3.59
N VAL B 80 4.78 7.53 -4.06
CA VAL B 80 5.17 6.14 -3.91
C VAL B 80 5.36 5.79 -2.45
N VAL B 81 6.27 6.49 -1.79
CA VAL B 81 6.60 6.12 -0.42
C VAL B 81 5.33 5.91 0.42
N GLN B 82 4.36 6.80 0.29
CA GLN B 82 3.12 6.68 1.02
C GLN B 82 2.36 5.38 0.73
N ARG B 83 2.19 5.02 -0.55
CA ARG B 83 1.39 3.82 -0.87
C ARG B 83 2.14 2.54 -0.57
N LEU B 84 3.44 2.67 -0.48
CA LEU B 84 4.30 1.53 -0.30
C LEU B 84 4.49 1.20 1.19
N GLU B 85 4.41 2.22 2.04
CA GLU B 85 4.70 2.07 3.48
C GLU B 85 3.89 0.93 4.12
N PRO B 86 2.60 0.82 3.76
CA PRO B 86 1.72 -0.18 4.36
C PRO B 86 2.34 -1.56 4.31
N ARG B 87 2.77 -2.01 3.14
CA ARG B 87 3.38 -3.35 3.01
C ARG B 87 4.88 -3.35 3.32
N PHE B 88 5.58 -2.30 2.94
CA PHE B 88 7.03 -2.26 3.13
C PHE B 88 7.33 -1.10 4.03
N PRO B 89 7.36 -1.37 5.36
CA PRO B 89 7.51 -0.27 6.31
C PRO B 89 8.91 0.35 6.30
N GLN B 90 9.88 -0.32 5.66
CA GLN B 90 11.21 0.25 5.46
C GLN B 90 11.23 1.46 4.53
N ALA B 91 10.35 1.49 3.54
CA ALA B 91 10.33 2.53 2.49
C ALA B 91 10.50 3.93 3.02
N SER B 92 11.39 4.70 2.39
CA SER B 92 11.79 6.04 2.85
C SER B 92 11.95 6.97 1.68
N LYS B 93 11.78 8.26 1.90
CA LYS B 93 12.00 9.23 0.82
C LYS B 93 13.34 8.90 0.16
N THR B 94 14.31 8.44 0.96
CA THR B 94 15.68 8.17 0.51
C THR B 94 15.73 7.04 -0.51
N SER B 95 15.36 5.86 -0.07
CA SER B 95 15.47 4.66 -0.87
C SER B 95 14.73 4.78 -2.18
N ILE B 96 13.46 5.14 -2.08
CA ILE B 96 12.63 5.31 -3.25
C ILE B 96 13.30 6.34 -4.12
N GLY B 97 13.73 7.44 -3.52
CA GLY B 97 14.54 8.43 -4.22
C GLY B 97 15.59 7.78 -5.12
N HIS B 98 16.30 6.78 -4.61
CA HIS B 98 17.30 6.11 -5.40
C HIS B 98 16.67 5.46 -6.59
N VAL B 99 15.72 4.59 -6.31
CA VAL B 99 15.00 3.91 -7.38
C VAL B 99 14.58 4.87 -8.50
N VAL B 100 13.96 5.96 -8.10
CA VAL B 100 13.62 6.97 -9.07
C VAL B 100 14.88 7.38 -9.84
N GLN B 101 16.01 7.55 -9.13
CA GLN B 101 17.26 7.93 -9.79
C GLN B 101 17.63 6.85 -10.81
N LEU B 102 17.44 5.59 -10.49
CA LEU B 102 17.68 4.55 -11.50
C LEU B 102 16.92 4.80 -12.80
N LEU B 103 15.63 5.12 -12.70
CA LEU B 103 14.85 5.32 -13.90
C LEU B 103 15.31 6.57 -14.54
N TYR B 104 15.56 7.59 -13.74
CA TYR B 104 16.10 8.84 -14.27
C TYR B 104 17.28 8.54 -15.17
N ARG B 105 18.21 7.76 -14.66
CA ARG B 105 19.43 7.47 -15.40
C ARG B 105 19.13 6.69 -16.69
N ALA B 106 18.21 5.73 -16.58
CA ALA B 106 17.71 5.00 -17.75
C ALA B 106 16.82 5.84 -18.68
N SER B 107 16.87 7.15 -18.52
CA SER B 107 16.21 8.03 -19.44
C SER B 107 14.74 7.66 -19.71
N CYS B 108 13.99 7.31 -18.66
CA CYS B 108 12.54 7.15 -18.79
C CYS B 108 11.74 8.45 -18.62
N PHE B 109 12.30 9.44 -17.94
CA PHE B 109 11.51 10.59 -17.64
C PHE B 109 11.76 11.63 -18.66
N LYS B 110 10.73 12.42 -18.90
CA LYS B 110 10.74 13.50 -19.88
C LYS B 110 10.70 14.70 -18.97
N VAL B 111 11.91 15.19 -18.68
CA VAL B 111 12.13 16.22 -17.68
C VAL B 111 11.86 17.56 -18.31
N THR B 112 11.37 18.47 -17.49
CA THR B 112 10.88 19.75 -17.95
C THR B 112 11.30 20.79 -16.93
N LYS B 113 12.22 21.68 -17.34
CA LYS B 113 12.82 22.69 -16.45
C LYS B 113 11.84 23.82 -16.08
N ARG B 114 12.10 24.45 -14.95
CA ARG B 114 11.36 25.63 -14.49
C ARG B 114 12.41 26.53 -13.82
N ASP B 115 12.35 27.81 -14.16
CA ASP B 115 13.30 28.78 -13.65
C ASP B 115 13.25 28.71 -12.13
N GLU B 116 14.40 28.41 -11.52
CA GLU B 116 14.54 28.36 -10.07
C GLU B 116 13.35 27.69 -9.36
N ASP B 117 12.85 26.62 -9.97
CA ASP B 117 11.84 25.78 -9.38
C ASP B 117 12.16 24.35 -9.74
N SER B 118 11.57 23.43 -8.98
CA SER B 118 11.71 22.01 -9.20
C SER B 118 11.35 21.68 -10.62
N SER B 119 12.19 20.91 -11.31
CA SER B 119 11.82 20.44 -12.63
C SER B 119 10.58 19.52 -12.53
N LEU B 120 9.83 19.42 -13.62
CA LEU B 120 8.67 18.54 -13.69
C LEU B 120 9.06 17.33 -14.47
N MET B 121 8.52 16.18 -14.05
CA MET B 121 8.91 14.92 -14.61
C MET B 121 7.71 14.15 -15.15
N GLN B 122 7.84 13.67 -16.38
CA GLN B 122 6.84 12.80 -16.99
C GLN B 122 7.44 11.47 -17.46
N LEU B 123 6.61 10.44 -17.56
CA LEU B 123 7.06 9.18 -18.17
C LEU B 123 6.88 9.24 -19.67
N LYS B 124 7.97 9.11 -20.41
CA LYS B 124 7.91 9.03 -21.85
C LYS B 124 6.82 8.04 -22.26
N GLU B 125 6.05 8.41 -23.27
CA GLU B 125 4.93 7.60 -23.74
C GLU B 125 5.30 6.13 -23.83
N GLU B 126 6.45 5.84 -24.42
CA GLU B 126 6.82 4.44 -24.64
C GLU B 126 6.83 3.66 -23.37
N PHE B 127 7.18 4.30 -22.26
CA PHE B 127 7.33 3.56 -21.01
C PHE B 127 6.11 3.58 -20.13
N ARG B 128 4.97 3.95 -20.67
CA ARG B 128 3.77 4.01 -19.85
C ARG B 128 3.03 2.69 -19.67
N THR B 129 3.68 1.57 -19.99
CA THR B 129 3.18 0.24 -19.68
C THR B 129 4.20 -0.34 -18.70
N TYR B 130 3.79 -1.27 -17.83
CA TYR B 130 4.73 -1.90 -16.89
C TYR B 130 5.78 -2.71 -17.59
N GLU B 131 5.33 -3.62 -18.44
CA GLU B 131 6.21 -4.46 -19.24
C GLU B 131 7.35 -3.57 -19.75
N ALA B 132 6.98 -2.51 -20.45
CA ALA B 132 7.90 -1.54 -21.05
C ALA B 132 8.84 -0.91 -20.05
N LEU B 133 8.29 -0.42 -18.96
CA LEU B 133 9.11 0.20 -17.93
C LEU B 133 10.07 -0.81 -17.31
N ARG B 134 9.55 -1.94 -16.85
CA ARG B 134 10.37 -2.87 -16.08
C ARG B 134 11.55 -3.31 -16.87
N ARG B 135 11.33 -3.41 -18.19
CA ARG B 135 12.37 -3.78 -19.16
C ARG B 135 13.49 -2.76 -19.09
N GLU B 136 13.16 -1.53 -19.42
CA GLU B 136 14.13 -0.44 -19.42
C GLU B 136 14.84 -0.34 -18.07
N HIS B 137 14.13 -0.67 -17.02
CA HIS B 137 14.70 -0.69 -15.68
C HIS B 137 15.75 -1.75 -15.55
N ASP B 138 15.38 -2.94 -15.96
CA ASP B 138 16.29 -4.04 -15.85
C ASP B 138 17.47 -3.72 -16.73
N SER B 139 17.18 -3.34 -17.96
CA SER B 139 18.22 -3.07 -18.92
C SER B 139 19.27 -2.19 -18.32
N GLN B 140 18.82 -1.19 -17.57
CA GLN B 140 19.74 -0.23 -16.98
C GLN B 140 20.68 -0.90 -15.97
N ILE B 141 20.13 -1.80 -15.18
CA ILE B 141 20.93 -2.44 -14.18
C ILE B 141 22.06 -3.16 -14.89
N VAL B 142 21.73 -3.81 -15.98
CA VAL B 142 22.76 -4.45 -16.79
C VAL B 142 23.81 -3.46 -17.34
N GLN B 143 23.39 -2.33 -17.90
CA GLN B 143 24.35 -1.39 -18.50
C GLN B 143 25.34 -0.92 -17.44
N ILE B 144 24.91 -0.92 -16.20
CA ILE B 144 25.79 -0.60 -15.10
C ILE B 144 26.78 -1.71 -15.01
N ALA B 145 26.28 -2.93 -14.90
CA ALA B 145 27.14 -4.09 -14.84
C ALA B 145 28.18 -3.98 -15.94
N MET B 146 27.75 -3.60 -17.13
CA MET B 146 28.67 -3.51 -18.24
C MET B 146 29.63 -2.40 -17.93
N GLU B 147 29.16 -1.19 -17.73
CA GLU B 147 30.05 -0.13 -17.26
C GLU B 147 31.04 -0.63 -16.21
N ALA B 148 30.63 -1.60 -15.41
CA ALA B 148 31.48 -2.08 -14.34
C ALA B 148 32.31 -3.32 -14.71
N GLY B 149 32.27 -3.73 -15.98
CA GLY B 149 32.96 -4.95 -16.45
C GLY B 149 32.63 -6.19 -15.63
N LEU B 150 31.34 -6.53 -15.60
CA LEU B 150 30.85 -7.65 -14.80
C LEU B 150 30.00 -8.61 -15.63
N ARG B 151 30.60 -9.71 -16.10
CA ARG B 151 29.87 -10.70 -16.90
C ARG B 151 29.01 -11.59 -16.01
N ILE B 152 27.69 -11.40 -16.08
CA ILE B 152 26.72 -12.19 -15.34
C ILE B 152 25.80 -12.92 -16.32
N ALA B 153 25.43 -14.14 -15.99
CA ALA B 153 24.63 -14.94 -16.91
C ALA B 153 23.15 -14.78 -16.64
N PRO B 154 22.30 -14.90 -17.69
CA PRO B 154 20.86 -14.83 -17.55
C PRO B 154 20.32 -15.59 -16.36
N ASP B 155 20.74 -16.82 -16.18
CA ASP B 155 20.25 -17.57 -15.03
C ASP B 155 20.40 -16.80 -13.71
N GLN B 156 21.51 -16.07 -13.52
CA GLN B 156 21.77 -15.33 -12.27
C GLN B 156 21.02 -14.00 -12.20
N TRP B 157 21.05 -13.25 -13.29
CA TRP B 157 20.23 -12.09 -13.41
C TRP B 157 18.84 -12.43 -12.92
N SER B 158 18.21 -13.45 -13.51
CA SER B 158 16.85 -13.81 -13.10
C SER B 158 16.78 -14.11 -11.60
N SER B 159 17.83 -14.66 -11.01
CA SER B 159 17.82 -14.78 -9.56
C SER B 159 17.82 -13.39 -8.94
N LEU B 160 18.86 -12.60 -9.23
CA LEU B 160 19.05 -11.27 -8.65
C LEU B 160 17.87 -10.31 -8.72
N LEU B 161 17.18 -10.30 -9.88
CA LEU B 161 16.15 -9.30 -10.14
C LEU B 161 14.73 -9.77 -9.92
N TYR B 162 14.48 -11.07 -10.03
CA TYR B 162 13.14 -11.63 -9.79
C TYR B 162 13.04 -12.67 -8.66
N GLY B 163 14.15 -12.95 -7.98
CA GLY B 163 14.17 -13.94 -6.90
C GLY B 163 13.83 -15.35 -7.35
N ASP B 164 14.02 -15.66 -8.64
CA ASP B 164 13.63 -16.95 -9.21
C ASP B 164 14.26 -17.16 -10.60
N GLN B 165 13.94 -18.28 -11.23
CA GLN B 165 14.50 -18.61 -12.54
C GLN B 165 13.56 -18.37 -13.72
N SER B 166 12.42 -17.72 -13.43
CA SER B 166 11.32 -17.54 -14.38
C SER B 166 11.62 -16.55 -15.49
N HIS B 167 12.77 -15.87 -15.44
CA HIS B 167 13.03 -14.74 -16.33
C HIS B 167 14.39 -14.78 -17.02
N LYS B 168 14.99 -15.95 -17.21
CA LYS B 168 16.24 -16.03 -17.98
C LYS B 168 16.02 -15.53 -19.41
N SER B 169 14.94 -16.01 -20.02
CA SER B 169 14.61 -15.69 -21.41
C SER B 169 14.53 -14.16 -21.56
N HIS B 170 13.76 -13.57 -20.65
CA HIS B 170 13.67 -12.12 -20.54
C HIS B 170 15.08 -11.48 -20.45
N MET B 171 15.86 -11.90 -19.47
CA MET B 171 17.18 -11.30 -19.22
C MET B 171 18.14 -11.49 -20.39
N GLN B 172 18.15 -12.69 -20.95
CA GLN B 172 18.94 -12.96 -22.09
C GLN B 172 18.62 -11.94 -23.17
N SER B 173 17.32 -11.70 -23.39
CA SER B 173 16.89 -10.77 -24.44
C SER B 173 17.42 -9.36 -24.19
N ILE B 174 17.42 -8.95 -22.92
CA ILE B 174 17.93 -7.65 -22.51
C ILE B 174 19.41 -7.55 -22.82
N ILE B 175 20.17 -8.51 -22.33
CA ILE B 175 21.60 -8.54 -22.57
C ILE B 175 21.90 -8.44 -24.07
N ASP B 176 21.22 -9.26 -24.89
CA ASP B 176 21.48 -9.29 -26.34
C ASP B 176 21.13 -7.91 -26.96
N LYS B 177 20.00 -7.32 -26.55
CA LYS B 177 19.52 -6.07 -27.16
C LYS B 177 20.37 -4.84 -26.79
N LEU B 178 21.26 -4.99 -25.81
CA LEU B 178 22.34 -4.04 -25.57
C LEU B 178 23.50 -4.34 -26.50
N GLN B 179 24.09 -5.52 -26.32
CA GLN B 179 25.22 -5.97 -27.14
C GLN B 179 24.86 -5.95 -28.63
N GLN C 28 20.53 -12.11 53.56
CA GLN C 28 20.52 -10.69 53.97
C GLN C 28 21.08 -9.74 52.94
N ASN C 29 22.23 -10.07 52.32
CA ASN C 29 23.02 -9.05 51.61
C ASN C 29 22.62 -8.97 50.13
N PRO C 30 22.98 -7.86 49.44
CA PRO C 30 22.70 -7.74 48.01
C PRO C 30 22.91 -9.02 47.18
N GLN C 31 24.17 -9.43 46.94
CA GLN C 31 24.43 -10.58 46.08
C GLN C 31 23.87 -11.92 46.60
N GLN C 32 23.49 -12.01 47.87
CA GLN C 32 22.71 -13.16 48.37
C GLN C 32 21.33 -13.16 47.74
N LEU C 33 20.68 -11.99 47.68
CA LEU C 33 19.32 -11.86 47.07
C LEU C 33 19.28 -12.06 45.53
N SER C 34 20.21 -11.42 44.81
CA SER C 34 20.26 -11.57 43.35
C SER C 34 20.32 -13.05 43.00
N SER C 35 21.37 -13.70 43.50
CA SER C 35 21.64 -15.12 43.20
C SER C 35 20.41 -15.99 43.51
N ASN C 36 19.73 -15.69 44.61
CA ASN C 36 18.54 -16.44 44.96
C ASN C 36 17.38 -16.12 44.07
N LEU C 37 17.23 -14.87 43.67
CA LEU C 37 16.21 -14.52 42.69
C LEU C 37 16.47 -15.28 41.40
N TRP C 38 17.65 -15.11 40.81
CA TRP C 38 17.89 -15.81 39.54
C TRP C 38 17.69 -17.32 39.64
N ALA C 39 18.06 -17.89 40.78
CA ALA C 39 17.88 -19.30 41.09
C ALA C 39 16.42 -19.73 41.05
N ALA C 40 15.57 -18.98 41.74
CA ALA C 40 14.13 -19.32 41.78
C ALA C 40 13.50 -19.14 40.41
N VAL C 41 14.06 -18.21 39.65
CA VAL C 41 13.57 -17.91 38.32
C VAL C 41 13.94 -19.08 37.42
N ARG C 42 15.22 -19.47 37.44
CA ARG C 42 15.67 -20.56 36.58
C ARG C 42 14.87 -21.78 36.96
N ALA C 43 14.55 -21.87 38.22
CA ALA C 43 13.85 -23.03 38.75
C ALA C 43 12.42 -23.20 38.26
N ARG C 44 11.89 -22.19 37.58
CA ARG C 44 10.55 -22.29 36.99
C ARG C 44 10.60 -22.31 35.47
N GLY C 45 11.81 -22.51 34.94
CA GLY C 45 12.03 -22.59 33.52
C GLY C 45 11.95 -21.22 32.89
N CYS C 46 12.32 -20.22 33.67
CA CYS C 46 12.27 -18.85 33.22
C CYS C 46 13.67 -18.30 33.28
N GLN C 47 13.87 -17.08 32.80
CA GLN C 47 15.21 -16.50 32.74
C GLN C 47 15.20 -15.01 32.39
N PHE C 48 16.20 -14.30 32.86
CA PHE C 48 16.36 -12.90 32.53
C PHE C 48 17.78 -12.74 32.00
N LEU C 49 17.90 -12.14 30.82
CA LEU C 49 19.17 -12.16 30.07
C LEU C 49 19.97 -10.87 30.24
N GLY C 50 19.66 -10.14 31.28
CA GLY C 50 20.21 -8.81 31.43
C GLY C 50 19.26 -7.81 30.82
N PRO C 51 19.32 -6.56 31.31
CA PRO C 51 18.33 -5.53 30.98
C PRO C 51 18.18 -5.27 29.48
N ALA C 52 19.30 -5.26 28.77
CA ALA C 52 19.31 -4.88 27.34
C ALA C 52 18.74 -5.95 26.46
N MET C 53 19.27 -7.16 26.62
CA MET C 53 18.78 -8.30 25.86
C MET C 53 17.34 -8.64 26.18
N GLN C 54 16.94 -8.51 27.43
CA GLN C 54 15.57 -8.82 27.73
C GLN C 54 14.69 -7.78 27.07
N GLU C 55 15.14 -6.53 27.03
CA GLU C 55 14.32 -5.47 26.42
C GLU C 55 14.10 -5.78 24.96
N GLU C 56 15.16 -6.21 24.29
CA GLU C 56 15.06 -6.43 22.88
C GLU C 56 14.17 -7.64 22.59
N ALA C 57 14.31 -8.69 23.39
CA ALA C 57 13.48 -9.87 23.24
C ALA C 57 12.01 -9.51 23.27
N LEU C 58 11.60 -8.91 24.37
CA LEU C 58 10.21 -8.59 24.55
C LEU C 58 9.71 -7.78 23.38
N LYS C 59 10.50 -6.82 22.93
CA LYS C 59 10.13 -6.03 21.77
C LYS C 59 9.83 -6.94 20.57
N LEU C 60 10.69 -7.91 20.32
CA LEU C 60 10.43 -8.84 19.25
C LEU C 60 9.19 -9.70 19.48
N VAL C 61 8.83 -9.97 20.72
CA VAL C 61 7.66 -10.78 20.94
C VAL C 61 6.45 -9.98 20.48
N LEU C 62 6.37 -8.75 20.95
CA LEU C 62 5.40 -7.79 20.46
C LEU C 62 5.35 -7.68 18.94
N LEU C 63 6.50 -7.45 18.34
CA LEU C 63 6.59 -7.31 16.92
C LEU C 63 5.86 -8.48 16.30
N ALA C 64 6.19 -9.68 16.77
CA ALA C 64 5.53 -10.90 16.33
C ALA C 64 4.01 -10.86 16.51
N LEU C 65 3.55 -10.51 17.70
CA LEU C 65 2.19 -10.80 18.06
C LEU C 65 1.27 -9.62 18.28
N GLU C 66 1.71 -8.41 18.00
CA GLU C 66 0.88 -7.23 18.29
C GLU C 66 -0.30 -7.12 17.33
N ASP C 67 -0.07 -7.48 16.07
CA ASP C 67 -1.17 -7.58 15.09
C ASP C 67 -2.22 -8.67 15.37
N GLY C 68 -2.07 -9.40 16.46
CA GLY C 68 -3.00 -10.47 16.79
C GLY C 68 -2.65 -11.80 16.15
N SER C 69 -1.56 -11.82 15.35
CA SER C 69 -1.01 -13.08 14.89
C SER C 69 -1.10 -14.11 16.05
N ALA C 70 -1.31 -15.36 15.70
CA ALA C 70 -1.23 -16.44 16.66
C ALA C 70 -0.15 -17.37 16.19
N LEU C 71 0.83 -17.65 17.03
CA LEU C 71 1.97 -18.50 16.63
C LEU C 71 2.10 -19.61 17.61
N SER C 72 2.65 -20.74 17.19
CA SER C 72 3.04 -21.79 18.13
C SER C 72 4.27 -21.33 18.87
N ARG C 73 4.53 -22.01 19.97
CA ARG C 73 5.60 -21.62 20.85
C ARG C 73 6.90 -21.63 20.09
N LYS C 74 7.02 -22.56 19.13
CA LYS C 74 8.30 -22.83 18.47
C LYS C 74 8.59 -21.79 17.42
N VAL C 75 7.61 -21.52 16.59
CA VAL C 75 7.73 -20.43 15.64
C VAL C 75 8.14 -19.15 16.37
N LEU C 76 7.36 -18.86 17.41
CA LEU C 76 7.55 -17.64 18.18
C LEU C 76 8.99 -17.48 18.62
N VAL C 77 9.53 -18.54 19.20
CA VAL C 77 10.88 -18.47 19.72
C VAL C 77 11.86 -18.24 18.61
N LEU C 78 11.72 -19.03 17.56
CA LEU C 78 12.56 -18.90 16.40
C LEU C 78 12.49 -17.47 15.94
N PHE C 79 11.28 -17.00 15.69
CA PHE C 79 11.09 -15.68 15.16
C PHE C 79 11.91 -14.65 15.86
N VAL C 80 11.84 -14.67 17.18
CA VAL C 80 12.69 -13.85 18.03
C VAL C 80 14.14 -14.23 17.87
N VAL C 81 14.48 -15.48 18.12
CA VAL C 81 15.87 -15.88 18.10
C VAL C 81 16.57 -15.39 16.84
N GLN C 82 15.90 -15.52 15.70
CA GLN C 82 16.47 -15.08 14.42
C GLN C 82 16.75 -13.58 14.34
N ARG C 83 15.80 -12.73 14.75
CA ARG C 83 16.03 -11.29 14.67
C ARG C 83 17.03 -10.81 15.71
N LEU C 84 17.19 -11.59 16.78
CA LEU C 84 17.99 -11.19 17.93
C LEU C 84 19.45 -11.63 17.75
N GLU C 85 19.67 -12.71 17.00
CA GLU C 85 21.03 -13.29 16.82
C GLU C 85 22.07 -12.26 16.33
N PRO C 86 21.68 -11.44 15.33
CA PRO C 86 22.57 -10.40 14.83
C PRO C 86 23.27 -9.61 15.94
N ARG C 87 22.52 -8.97 16.85
CA ARG C 87 23.12 -8.15 17.91
C ARG C 87 23.55 -8.99 19.14
N PHE C 88 22.79 -10.02 19.48
CA PHE C 88 23.10 -10.85 20.65
C PHE C 88 23.35 -12.26 20.16
N PRO C 89 24.62 -12.57 19.86
CA PRO C 89 24.95 -13.86 19.26
C PRO C 89 24.76 -15.03 20.22
N GLN C 90 24.61 -14.74 21.51
CA GLN C 90 24.32 -15.77 22.51
C GLN C 90 22.92 -16.39 22.34
N ALA C 91 21.94 -15.60 21.90
CA ALA C 91 20.54 -16.03 21.81
C ALA C 91 20.35 -17.42 21.23
N SER C 92 19.53 -18.24 21.91
CA SER C 92 19.32 -19.65 21.53
C SER C 92 17.86 -20.01 21.68
N LYS C 93 17.40 -21.02 20.93
CA LYS C 93 16.01 -21.50 21.08
C LYS C 93 15.73 -21.68 22.57
N THR C 94 16.76 -22.09 23.32
CA THR C 94 16.65 -22.41 24.75
C THR C 94 16.29 -21.18 25.57
N SER C 95 17.22 -20.23 25.58
CA SER C 95 17.13 -19.07 26.44
C SER C 95 15.84 -18.28 26.19
N ILE C 96 15.63 -17.96 24.92
CA ILE C 96 14.44 -17.25 24.52
C ILE C 96 13.23 -18.09 24.93
N GLY C 97 13.28 -19.38 24.66
CA GLY C 97 12.28 -20.28 25.21
C GLY C 97 11.92 -19.98 26.64
N HIS C 98 12.93 -19.77 27.49
CA HIS C 98 12.67 -19.50 28.89
C HIS C 98 11.87 -18.20 29.03
N VAL C 99 12.44 -17.15 28.49
CA VAL C 99 11.77 -15.88 28.50
C VAL C 99 10.31 -15.99 28.10
N VAL C 100 10.06 -16.65 26.99
CA VAL C 100 8.69 -16.89 26.61
C VAL C 100 7.94 -17.55 27.77
N GLN C 101 8.59 -18.52 28.42
CA GLN C 101 7.94 -19.20 29.53
C GLN C 101 7.57 -18.16 30.58
N LEU C 102 8.46 -17.20 30.82
CA LEU C 102 8.15 -16.19 31.84
C LEU C 102 6.83 -15.53 31.51
N LEU C 103 6.62 -15.17 30.25
CA LEU C 103 5.41 -14.46 29.87
C LEU C 103 4.26 -15.42 29.96
N TYR C 104 4.49 -16.64 29.50
CA TYR C 104 3.49 -17.68 29.64
C TYR C 104 2.96 -17.69 31.06
N ARG C 105 3.88 -17.76 32.02
CA ARG C 105 3.51 -17.88 33.41
C ARG C 105 2.74 -16.65 33.89
N ALA C 106 3.19 -15.48 33.46
CA ALA C 106 2.52 -14.21 33.73
C ALA C 106 1.23 -14.06 32.94
N SER C 107 0.73 -15.15 32.40
CA SER C 107 -0.59 -15.16 31.81
C SER C 107 -0.80 -14.03 30.80
N CYS C 108 0.20 -13.78 29.96
CA CYS C 108 0.03 -12.87 28.83
C CYS C 108 -0.51 -13.52 27.58
N PHE C 109 -0.34 -14.83 27.43
CA PHE C 109 -0.75 -15.45 26.20
C PHE C 109 -2.13 -16.00 26.36
N LYS C 110 -2.86 -15.98 25.25
CA LYS C 110 -4.22 -16.46 25.13
C LYS C 110 -4.02 -17.71 24.31
N VAL C 111 -3.90 -18.82 25.03
CA VAL C 111 -3.50 -20.09 24.45
C VAL C 111 -4.71 -20.78 23.88
N THR C 112 -4.49 -21.54 22.82
CA THR C 112 -5.57 -22.11 22.01
C THR C 112 -5.14 -23.52 21.60
N LYS C 113 -5.85 -24.52 22.14
CA LYS C 113 -5.50 -25.94 21.94
C LYS C 113 -5.83 -26.43 20.53
N ARG C 114 -5.13 -27.48 20.11
CA ARG C 114 -5.40 -28.15 18.83
C ARG C 114 -5.22 -29.65 19.02
N ASP C 115 -6.13 -30.42 18.43
CA ASP C 115 -6.15 -31.86 18.53
C ASP C 115 -4.80 -32.39 18.10
N GLU C 116 -4.10 -33.04 19.02
CA GLU C 116 -2.80 -33.65 18.76
C GLU C 116 -1.87 -32.78 17.90
N ASP C 117 -1.90 -31.48 18.18
CA ASP C 117 -0.99 -30.51 17.54
C ASP C 117 -0.57 -29.45 18.56
N SER C 118 0.51 -28.71 18.21
CA SER C 118 1.01 -27.59 18.97
C SER C 118 -0.12 -26.63 19.28
N SER C 119 -0.28 -26.22 20.54
CA SER C 119 -1.19 -25.13 20.84
C SER C 119 -0.74 -23.82 20.16
N LEU C 120 -1.72 -22.94 19.91
CA LEU C 120 -1.47 -21.64 19.29
C LEU C 120 -1.53 -20.60 20.36
N MET C 121 -0.68 -19.60 20.23
CA MET C 121 -0.52 -18.61 21.26
C MET C 121 -0.72 -17.19 20.75
N GLN C 122 -1.55 -16.44 21.46
CA GLN C 122 -1.78 -15.03 21.15
C GLN C 122 -1.50 -14.10 22.33
N LEU C 123 -1.15 -12.84 22.07
CA LEU C 123 -1.00 -11.89 23.15
C LEU C 123 -2.35 -11.27 23.47
N LYS C 124 -2.81 -11.45 24.70
CA LYS C 124 -4.02 -10.83 25.15
C LYS C 124 -4.01 -9.35 24.76
N GLU C 125 -5.15 -8.86 24.29
CA GLU C 125 -5.28 -7.47 23.81
C GLU C 125 -4.61 -6.47 24.76
N GLU C 126 -4.88 -6.60 26.06
CA GLU C 126 -4.30 -5.66 27.02
C GLU C 126 -2.79 -5.55 26.94
N PHE C 127 -2.12 -6.64 26.60
CA PHE C 127 -0.67 -6.62 26.61
C PHE C 127 -0.05 -6.34 25.28
N ARG C 128 -0.82 -5.84 24.33
CA ARG C 128 -0.25 -5.58 23.00
C ARG C 128 0.47 -4.24 22.84
N THR C 129 0.78 -3.57 23.95
CA THR C 129 1.66 -2.40 23.96
C THR C 129 2.92 -2.83 24.75
N TYR C 130 4.07 -2.24 24.49
CA TYR C 130 5.29 -2.60 25.22
C TYR C 130 5.22 -2.25 26.67
N GLU C 131 4.86 -1.00 26.94
CA GLU C 131 4.64 -0.51 28.31
C GLU C 131 3.89 -1.59 29.11
N ALA C 132 2.72 -1.95 28.59
CA ALA C 132 1.82 -2.97 29.17
C ALA C 132 2.48 -4.32 29.39
N LEU C 133 3.15 -4.82 28.37
CA LEU C 133 3.83 -6.08 28.47
C LEU C 133 4.97 -6.03 29.46
N ARG C 134 5.87 -5.05 29.32
CA ARG C 134 7.08 -5.03 30.17
C ARG C 134 6.73 -4.97 31.64
N ARG C 135 5.62 -4.30 31.93
CA ARG C 135 5.06 -4.22 33.29
C ARG C 135 4.74 -5.60 33.77
N GLU C 136 3.81 -6.27 33.09
CA GLU C 136 3.37 -7.63 33.46
C GLU C 136 4.54 -8.59 33.56
N HIS C 137 5.55 -8.36 32.73
CA HIS C 137 6.78 -9.11 32.80
C HIS C 137 7.51 -8.86 34.10
N ASP C 138 7.71 -7.60 34.43
CA ASP C 138 8.43 -7.26 35.62
C ASP C 138 7.63 -7.78 36.79
N SER C 139 6.35 -7.46 36.80
CA SER C 139 5.48 -7.88 37.88
C SER C 139 5.65 -9.35 38.20
N GLN C 140 5.78 -10.16 37.16
CA GLN C 140 5.95 -11.58 37.36
C GLN C 140 7.25 -11.94 38.08
N ILE C 141 8.32 -11.26 37.73
CA ILE C 141 9.57 -11.54 38.35
C ILE C 141 9.42 -11.31 39.85
N VAL C 142 8.75 -10.23 40.21
CA VAL C 142 8.47 -9.99 41.61
C VAL C 142 7.62 -11.08 42.26
N GLN C 143 6.52 -11.53 41.62
CA GLN C 143 5.61 -12.55 42.25
C GLN C 143 6.39 -13.80 42.54
N ILE C 144 7.43 -14.04 41.76
CA ILE C 144 8.34 -15.13 42.03
C ILE C 144 9.08 -14.80 43.33
N ALA C 145 9.73 -13.64 43.37
CA ALA C 145 10.44 -13.22 44.57
C ALA C 145 9.54 -13.39 45.78
N MET C 146 8.27 -13.02 45.65
CA MET C 146 7.34 -13.19 46.74
C MET C 146 7.14 -14.67 47.01
N GLU C 147 6.68 -15.43 46.04
CA GLU C 147 6.66 -16.88 46.22
C GLU C 147 7.90 -17.40 46.93
N ALA C 148 9.05 -16.76 46.72
CA ALA C 148 10.30 -17.24 47.27
C ALA C 148 10.67 -16.60 48.61
N GLY C 149 9.77 -15.80 49.17
CA GLY C 149 10.04 -15.04 50.39
C GLY C 149 11.32 -14.21 50.32
N LEU C 150 11.39 -13.29 49.37
CA LEU C 150 12.59 -12.50 49.16
C LEU C 150 12.27 -10.98 49.11
N ARG C 151 12.46 -10.28 50.23
CA ARG C 151 12.18 -8.85 50.31
C ARG C 151 13.30 -8.07 49.63
N ILE C 152 12.99 -7.51 48.45
CA ILE C 152 13.92 -6.67 47.70
C ILE C 152 13.34 -5.29 47.56
N ALA C 153 14.17 -4.28 47.65
CA ALA C 153 13.65 -2.93 47.62
C ALA C 153 13.67 -2.37 46.19
N PRO C 154 12.72 -1.49 45.88
CA PRO C 154 12.67 -0.82 44.59
C PRO C 154 14.03 -0.41 44.07
N ASP C 155 14.84 0.25 44.88
CA ASP C 155 16.13 0.70 44.39
C ASP C 155 16.94 -0.46 43.74
N GLN C 156 16.84 -1.66 44.30
CA GLN C 156 17.58 -2.81 43.79
C GLN C 156 16.93 -3.47 42.57
N TRP C 157 15.62 -3.67 42.66
CA TRP C 157 14.85 -4.08 41.50
C TRP C 157 15.29 -3.27 40.31
N SER C 158 15.20 -1.94 40.39
CA SER C 158 15.61 -1.10 39.27
C SER C 158 17.04 -1.36 38.83
N SER C 159 17.93 -1.73 39.75
CA SER C 159 19.25 -2.17 39.31
C SER C 159 19.12 -3.45 38.50
N LEU C 160 18.61 -4.48 39.17
CA LEU C 160 18.48 -5.83 38.58
C LEU C 160 17.84 -5.90 37.19
N LEU C 161 16.76 -5.15 36.99
CA LEU C 161 15.94 -5.26 35.77
C LEU C 161 16.21 -4.24 34.69
N TYR C 162 16.71 -3.06 35.07
CA TYR C 162 17.03 -2.02 34.10
C TYR C 162 18.49 -1.55 34.09
N GLY C 163 19.34 -2.16 34.93
CA GLY C 163 20.75 -1.83 34.97
C GLY C 163 21.01 -0.41 35.39
N ASP C 164 20.07 0.19 36.11
CA ASP C 164 20.15 1.59 36.52
C ASP C 164 19.10 1.93 37.61
N GLN C 165 19.06 3.19 38.01
CA GLN C 165 18.18 3.60 39.10
C GLN C 165 16.97 4.35 38.61
N SER C 166 16.77 4.35 37.31
CA SER C 166 15.74 5.16 36.66
C SER C 166 14.32 4.63 36.83
N HIS C 167 14.15 3.48 37.49
CA HIS C 167 12.86 2.80 37.52
C HIS C 167 12.41 2.40 38.92
N LYS C 168 12.87 3.07 39.96
CA LYS C 168 12.39 2.73 41.31
C LYS C 168 10.89 2.97 41.41
N SER C 169 10.49 4.14 40.92
CA SER C 169 9.11 4.56 41.03
C SER C 169 8.24 3.46 40.36
N HIS C 170 8.65 3.07 39.16
CA HIS C 170 8.01 2.00 38.42
C HIS C 170 7.91 0.74 39.29
N MET C 171 9.04 0.29 39.81
CA MET C 171 9.10 -0.97 40.56
C MET C 171 8.29 -0.89 41.84
N GLN C 172 8.40 0.22 42.54
CA GLN C 172 7.61 0.43 43.73
C GLN C 172 6.13 0.23 43.39
N SER C 173 5.69 0.81 42.27
CA SER C 173 4.29 0.72 41.88
C SER C 173 3.88 -0.74 41.64
N ILE C 174 4.78 -1.49 41.04
CA ILE C 174 4.54 -2.93 40.77
C ILE C 174 4.37 -3.66 42.10
N ILE C 175 5.34 -3.50 42.99
CA ILE C 175 5.31 -4.15 44.28
C ILE C 175 3.99 -3.84 45.01
N ASP C 176 3.62 -2.56 45.05
CA ASP C 176 2.41 -2.15 45.75
C ASP C 176 1.17 -2.78 45.09
N LYS C 177 1.10 -2.76 43.76
CA LYS C 177 -0.09 -3.23 43.05
C LYS C 177 -0.27 -4.76 43.13
N LEU C 178 0.75 -5.47 43.62
CA LEU C 178 0.59 -6.85 44.06
C LEU C 178 0.10 -6.89 45.50
N GLN C 179 0.97 -6.47 46.45
CA GLN C 179 0.71 -6.48 47.93
C GLN C 179 -0.64 -5.90 48.35
N GLN D 26 -30.66 52.30 -20.91
CA GLN D 26 -30.35 52.88 -19.58
C GLN D 26 -30.77 51.96 -18.41
N HIS D 27 -31.95 51.33 -18.52
CA HIS D 27 -32.50 50.44 -17.47
C HIS D 27 -32.59 48.98 -18.01
N GLN D 28 -32.58 48.00 -17.09
CA GLN D 28 -32.54 46.56 -17.48
C GLN D 28 -33.28 45.56 -16.58
N ASN D 29 -34.04 44.67 -17.21
CA ASN D 29 -34.89 43.72 -16.51
C ASN D 29 -34.11 42.43 -16.20
N PRO D 30 -34.61 41.61 -15.25
CA PRO D 30 -33.96 40.33 -14.94
C PRO D 30 -33.45 39.54 -16.16
N GLN D 31 -34.35 38.97 -16.96
CA GLN D 31 -33.95 38.12 -18.09
C GLN D 31 -33.13 38.86 -19.17
N GLN D 32 -33.15 40.19 -19.17
CA GLN D 32 -32.21 40.97 -20.00
C GLN D 32 -30.78 40.80 -19.50
N LEU D 33 -30.58 40.86 -18.17
CA LEU D 33 -29.24 40.69 -17.55
C LEU D 33 -28.65 39.27 -17.63
N SER D 34 -29.45 38.24 -17.33
CA SER D 34 -28.98 36.86 -17.43
C SER D 34 -28.42 36.62 -18.82
N SER D 35 -29.29 36.82 -19.81
CA SER D 35 -28.94 36.59 -21.21
C SER D 35 -27.65 37.29 -21.59
N ASN D 36 -27.51 38.52 -21.14
CA ASN D 36 -26.33 39.30 -21.47
C ASN D 36 -25.12 38.79 -20.76
N LEU D 37 -25.30 38.36 -19.51
CA LEU D 37 -24.20 37.75 -18.81
C LEU D 37 -23.75 36.51 -19.59
N TRP D 38 -24.64 35.56 -19.82
CA TRP D 38 -24.20 34.34 -20.49
C TRP D 38 -23.57 34.62 -21.84
N ALA D 39 -24.10 35.62 -22.54
CA ALA D 39 -23.56 36.07 -23.82
C ALA D 39 -22.10 36.55 -23.72
N ALA D 40 -21.82 37.40 -22.74
CA ALA D 40 -20.47 37.93 -22.57
C ALA D 40 -19.52 36.83 -22.15
N VAL D 41 -20.08 35.84 -21.44
CA VAL D 41 -19.32 34.72 -20.95
C VAL D 41 -18.93 33.86 -22.12
N ARG D 42 -19.94 33.48 -22.91
CA ARG D 42 -19.68 32.63 -24.07
C ARG D 42 -18.69 33.34 -24.96
N ALA D 43 -18.81 34.65 -24.99
CA ALA D 43 -17.99 35.47 -25.85
C ALA D 43 -16.50 35.47 -25.50
N ARG D 44 -16.14 34.92 -24.35
CA ARG D 44 -14.73 34.81 -23.96
C ARG D 44 -14.24 33.37 -23.96
N GLY D 45 -15.07 32.50 -24.54
CA GLY D 45 -14.76 31.08 -24.64
C GLY D 45 -14.93 30.41 -23.32
N CYS D 46 -15.85 30.95 -22.51
CA CYS D 46 -16.13 30.44 -21.19
C CYS D 46 -17.57 29.99 -21.15
N GLN D 47 -18.01 29.36 -20.07
CA GLN D 47 -19.36 28.81 -19.99
C GLN D 47 -19.73 28.35 -18.60
N PHE D 48 -21.01 28.41 -18.28
CA PHE D 48 -21.52 27.96 -17.00
C PHE D 48 -22.64 27.00 -17.31
N LEU D 49 -22.56 25.80 -16.74
CA LEU D 49 -23.40 24.67 -17.17
C LEU D 49 -24.58 24.45 -16.24
N GLY D 50 -24.92 25.48 -15.49
CA GLY D 50 -25.90 25.34 -14.46
C GLY D 50 -25.22 24.96 -13.17
N PRO D 51 -25.86 25.30 -12.04
CA PRO D 51 -25.21 25.24 -10.72
C PRO D 51 -24.67 23.86 -10.37
N ALA D 52 -25.42 22.81 -10.73
CA ALA D 52 -25.10 21.46 -10.32
C ALA D 52 -23.93 20.91 -11.10
N MET D 53 -24.05 20.99 -12.41
CA MET D 53 -22.99 20.52 -13.28
C MET D 53 -21.70 21.31 -13.09
N GLN D 54 -21.83 22.60 -12.86
CA GLN D 54 -20.61 23.35 -12.70
C GLN D 54 -19.96 22.92 -11.42
N GLU D 55 -20.75 22.62 -10.41
CA GLU D 55 -20.19 22.24 -9.11
C GLU D 55 -19.40 20.98 -9.30
N GLU D 56 -19.96 20.05 -10.05
CA GLU D 56 -19.33 18.76 -10.14
C GLU D 56 -18.05 18.89 -10.94
N ALA D 57 -18.10 19.68 -12.00
CA ALA D 57 -16.91 19.90 -12.84
C ALA D 57 -15.74 20.35 -11.99
N LEU D 58 -15.95 21.47 -11.32
CA LEU D 58 -14.89 22.07 -10.54
C LEU D 58 -14.33 21.05 -9.57
N LYS D 59 -15.21 20.30 -8.94
CA LYS D 59 -14.75 19.28 -8.03
C LYS D 59 -13.78 18.35 -8.74
N LEU D 60 -14.13 17.92 -9.94
CA LEU D 60 -13.24 17.03 -10.67
C LEU D 60 -11.94 17.70 -11.05
N VAL D 61 -11.94 19.01 -11.21
CA VAL D 61 -10.71 19.66 -11.59
C VAL D 61 -9.77 19.52 -10.40
N LEU D 62 -10.26 19.90 -9.23
CA LEU D 62 -9.56 19.70 -7.98
C LEU D 62 -9.05 18.28 -7.82
N LEU D 63 -9.96 17.32 -7.96
CA LEU D 63 -9.62 15.94 -7.82
C LEU D 63 -8.37 15.69 -8.64
N ALA D 64 -8.42 16.12 -9.89
CA ALA D 64 -7.27 16.00 -10.79
C ALA D 64 -6.00 16.67 -10.24
N LEU D 65 -6.11 17.91 -9.80
CA LEU D 65 -4.91 18.72 -9.61
C LEU D 65 -4.58 19.12 -8.20
N GLU D 66 -5.31 18.63 -7.20
CA GLU D 66 -5.06 19.06 -5.80
C GLU D 66 -3.74 18.51 -5.26
N ASP D 67 -3.41 17.28 -5.64
CA ASP D 67 -2.09 16.70 -5.34
C ASP D 67 -0.90 17.37 -6.01
N GLY D 68 -1.13 18.44 -6.78
CA GLY D 68 -0.05 19.14 -7.47
C GLY D 68 0.31 18.53 -8.82
N SER D 69 -0.38 17.45 -9.18
CA SER D 69 -0.30 16.95 -10.53
C SER D 69 -0.26 18.16 -11.51
N ALA D 70 0.49 18.00 -12.58
CA ALA D 70 0.45 18.95 -13.68
C ALA D 70 -0.02 18.23 -14.90
N LEU D 71 -1.10 18.72 -15.52
CA LEU D 71 -1.67 18.06 -16.70
C LEU D 71 -1.73 19.06 -17.83
N SER D 72 -1.68 18.57 -19.06
CA SER D 72 -1.98 19.42 -20.20
C SER D 72 -3.46 19.67 -20.22
N ARG D 73 -3.84 20.66 -21.01
CA ARG D 73 -5.21 21.11 -21.02
C ARG D 73 -6.09 19.99 -21.46
N LYS D 74 -5.56 19.13 -22.32
CA LYS D 74 -6.37 18.11 -23.00
C LYS D 74 -6.64 16.94 -22.07
N VAL D 75 -5.59 16.44 -21.44
CA VAL D 75 -5.75 15.42 -20.45
C VAL D 75 -6.77 15.88 -19.42
N LEU D 76 -6.53 17.08 -18.91
CA LEU D 76 -7.36 17.63 -17.89
C LEU D 76 -8.83 17.55 -18.26
N VAL D 77 -9.14 18.00 -19.48
CA VAL D 77 -10.52 18.08 -19.91
C VAL D 77 -11.12 16.71 -19.96
N LEU D 78 -10.40 15.83 -20.63
CA LEU D 78 -10.80 14.46 -20.73
C LEU D 78 -11.07 13.95 -19.35
N PHE D 79 -10.07 14.06 -18.48
CA PHE D 79 -10.16 13.52 -17.15
C PHE D 79 -11.47 13.83 -16.49
N VAL D 80 -11.84 15.11 -16.56
CA VAL D 80 -13.14 15.55 -16.09
C VAL D 80 -14.22 14.92 -16.95
N VAL D 81 -14.17 15.15 -18.24
CA VAL D 81 -15.27 14.75 -19.09
C VAL D 81 -15.65 13.32 -18.78
N GLN D 82 -14.64 12.46 -18.64
CA GLN D 82 -14.86 11.04 -18.41
C GLN D 82 -15.57 10.75 -17.11
N ARG D 83 -15.15 11.36 -16.00
CA ARG D 83 -15.81 11.12 -14.73
C ARG D 83 -17.21 11.76 -14.65
N LEU D 84 -17.44 12.76 -15.47
CA LEU D 84 -18.66 13.54 -15.43
C LEU D 84 -19.73 12.93 -16.34
N GLU D 85 -19.31 12.23 -17.39
CA GLU D 85 -20.26 11.67 -18.40
C GLU D 85 -21.34 10.78 -17.79
N PRO D 86 -20.95 9.88 -16.88
CA PRO D 86 -21.92 9.05 -16.18
C PRO D 86 -23.17 9.79 -15.71
N ARG D 87 -23.03 10.83 -14.89
CA ARG D 87 -24.20 11.55 -14.39
C ARG D 87 -24.71 12.63 -15.36
N PHE D 88 -23.81 13.31 -16.06
CA PHE D 88 -24.18 14.38 -16.99
C PHE D 88 -23.77 13.98 -18.37
N PRO D 89 -24.68 13.31 -19.09
CA PRO D 89 -24.31 12.75 -20.38
C PRO D 89 -24.05 13.81 -21.46
N GLN D 90 -24.45 15.05 -21.18
CA GLN D 90 -24.17 16.18 -22.05
C GLN D 90 -22.69 16.48 -22.19
N ALA D 91 -21.97 16.34 -21.09
CA ALA D 91 -20.57 16.76 -21.00
C ALA D 91 -19.74 16.38 -22.22
N SER D 92 -18.96 17.35 -22.72
CA SER D 92 -18.17 17.20 -23.97
C SER D 92 -16.82 17.83 -23.80
N LYS D 93 -15.83 17.37 -24.57
CA LYS D 93 -14.47 17.99 -24.54
C LYS D 93 -14.64 19.51 -24.69
N THR D 94 -15.66 19.92 -25.45
CA THR D 94 -15.93 21.32 -25.74
C THR D 94 -16.33 22.09 -24.51
N SER D 95 -17.47 21.72 -23.93
CA SER D 95 -18.10 22.47 -22.83
C SER D 95 -17.18 22.57 -21.63
N ILE D 96 -16.67 21.42 -21.20
CA ILE D 96 -15.67 21.36 -20.13
C ILE D 96 -14.47 22.21 -20.52
N GLY D 97 -13.97 22.05 -21.73
CA GLY D 97 -12.98 22.98 -22.28
C GLY D 97 -13.25 24.44 -21.95
N HIS D 98 -14.50 24.88 -22.12
CA HIS D 98 -14.84 26.27 -21.80
C HIS D 98 -14.64 26.54 -20.33
N VAL D 99 -15.30 25.75 -19.50
CA VAL D 99 -15.13 25.86 -18.05
C VAL D 99 -13.66 25.95 -17.62
N VAL D 100 -12.85 25.04 -18.11
CA VAL D 100 -11.42 25.17 -17.88
C VAL D 100 -10.92 26.56 -18.29
N GLN D 101 -11.34 27.04 -19.46
CA GLN D 101 -10.93 28.37 -19.91
C GLN D 101 -11.33 29.39 -18.84
N LEU D 102 -12.52 29.26 -18.26
CA LEU D 102 -12.93 30.23 -17.24
C LEU D 102 -11.87 30.29 -16.15
N LEU D 103 -11.40 29.14 -15.70
CA LEU D 103 -10.46 29.13 -14.60
C LEU D 103 -9.16 29.67 -15.11
N TYR D 104 -8.81 29.27 -16.31
CA TYR D 104 -7.59 29.79 -16.94
C TYR D 104 -7.59 31.29 -16.83
N ARG D 105 -8.70 31.89 -17.23
CA ARG D 105 -8.80 33.34 -17.28
C ARG D 105 -8.71 33.94 -15.87
N ALA D 106 -9.37 33.32 -14.91
CA ALA D 106 -9.25 33.70 -13.50
C ALA D 106 -7.90 33.34 -12.89
N SER D 107 -6.91 33.06 -13.73
CA SER D 107 -5.54 32.91 -13.27
C SER D 107 -5.40 31.94 -12.10
N CYS D 108 -6.09 30.81 -12.16
CA CYS D 108 -5.90 29.74 -11.17
C CYS D 108 -4.80 28.78 -11.56
N PHE D 109 -4.48 28.69 -12.84
CA PHE D 109 -3.47 27.73 -13.25
C PHE D 109 -2.12 28.37 -13.31
N LYS D 110 -1.12 27.57 -12.99
CA LYS D 110 0.27 27.95 -12.97
C LYS D 110 0.82 27.21 -14.19
N VAL D 111 0.84 27.94 -15.28
CA VAL D 111 1.09 27.37 -16.60
C VAL D 111 2.57 27.29 -16.81
N THR D 112 2.98 26.31 -17.58
CA THR D 112 4.38 25.97 -17.71
C THR D 112 4.61 25.56 -19.16
N LYS D 113 5.37 26.38 -19.88
CA LYS D 113 5.59 26.20 -21.33
C LYS D 113 6.52 25.03 -21.64
N ARG D 114 6.41 24.49 -22.85
CA ARG D 114 7.31 23.45 -23.34
C ARG D 114 7.56 23.71 -24.80
N ASP D 115 8.83 23.56 -25.20
CA ASP D 115 9.27 23.84 -26.57
C ASP D 115 8.42 23.00 -27.52
N GLU D 116 7.69 23.67 -28.40
CA GLU D 116 6.84 23.02 -29.41
C GLU D 116 6.05 21.82 -28.84
N ASP D 117 5.52 21.97 -27.62
CA ASP D 117 4.67 20.96 -26.99
C ASP D 117 3.59 21.66 -26.16
N SER D 118 2.54 20.90 -25.82
CA SER D 118 1.46 21.36 -24.98
C SER D 118 2.00 21.92 -23.70
N SER D 119 1.58 23.11 -23.31
CA SER D 119 1.92 23.62 -22.00
C SER D 119 1.34 22.71 -20.90
N LEU D 120 2.00 22.71 -19.73
CA LEU D 120 1.54 21.97 -18.56
C LEU D 120 0.89 22.90 -17.63
N MET D 121 -0.16 22.43 -16.99
CA MET D 121 -0.97 23.27 -16.13
C MET D 121 -1.10 22.73 -14.71
N GLN D 122 -0.85 23.60 -13.73
CA GLN D 122 -1.01 23.26 -12.30
C GLN D 122 -1.98 24.23 -11.57
N LEU D 123 -2.62 23.77 -10.50
CA LEU D 123 -3.43 24.65 -9.69
C LEU D 123 -2.55 25.32 -8.69
N LYS D 124 -2.49 26.64 -8.74
CA LYS D 124 -1.78 27.42 -7.73
C LYS D 124 -2.18 26.91 -6.35
N GLU D 125 -1.18 26.79 -5.47
CA GLU D 125 -1.39 26.26 -4.12
C GLU D 125 -2.64 26.85 -3.47
N GLU D 126 -2.79 28.17 -3.54
CA GLU D 126 -3.91 28.83 -2.86
C GLU D 126 -5.23 28.26 -3.26
N PHE D 127 -5.35 27.80 -4.51
CA PHE D 127 -6.66 27.34 -4.98
C PHE D 127 -6.87 25.86 -4.86
N ARG D 128 -6.04 25.17 -4.10
CA ARG D 128 -6.17 23.71 -4.03
C ARG D 128 -7.21 23.21 -3.03
N THR D 129 -8.08 24.10 -2.56
CA THR D 129 -9.25 23.72 -1.76
C THR D 129 -10.46 24.10 -2.61
N TYR D 130 -11.60 23.44 -2.42
CA TYR D 130 -12.80 23.78 -3.23
C TYR D 130 -13.36 25.16 -2.92
N GLU D 131 -13.55 25.41 -1.63
CA GLU D 131 -13.97 26.70 -1.15
C GLU D 131 -13.20 27.78 -1.93
N ALA D 132 -11.87 27.69 -1.85
CA ALA D 132 -10.92 28.62 -2.52
C ALA D 132 -11.09 28.72 -4.01
N LEU D 133 -11.18 27.59 -4.67
CA LEU D 133 -11.41 27.58 -6.09
C LEU D 133 -12.76 28.16 -6.47
N ARG D 134 -13.84 27.66 -5.88
CA ARG D 134 -15.17 28.08 -6.30
C ARG D 134 -15.36 29.58 -6.17
N ARG D 135 -14.71 30.17 -5.15
CA ARG D 135 -14.69 31.64 -4.93
C ARG D 135 -14.11 32.32 -6.16
N GLU D 136 -12.84 32.03 -6.43
CA GLU D 136 -12.13 32.62 -7.56
C GLU D 136 -12.88 32.40 -8.88
N HIS D 137 -13.59 31.28 -8.97
CA HIS D 137 -14.44 31.00 -10.13
C HIS D 137 -15.60 31.95 -10.20
N ASP D 138 -16.29 32.10 -9.08
CA ASP D 138 -17.44 32.98 -9.04
C ASP D 138 -16.96 34.39 -9.29
N SER D 139 -15.93 34.79 -8.55
CA SER D 139 -15.35 36.11 -8.71
C SER D 139 -15.11 36.47 -10.18
N GLN D 140 -14.60 35.53 -10.96
CA GLN D 140 -14.34 35.76 -12.36
C GLN D 140 -15.60 36.03 -13.18
N ILE D 141 -16.65 35.28 -12.89
CA ILE D 141 -17.88 35.52 -13.59
C ILE D 141 -18.31 36.96 -13.36
N VAL D 142 -18.21 37.42 -12.13
CA VAL D 142 -18.51 38.81 -11.85
C VAL D 142 -17.60 39.81 -12.61
N GLN D 143 -16.28 39.59 -12.64
CA GLN D 143 -15.36 40.55 -13.30
C GLN D 143 -15.73 40.68 -14.77
N ILE D 144 -16.31 39.62 -15.32
CA ILE D 144 -16.84 39.67 -16.68
C ILE D 144 -18.02 40.61 -16.67
N ALA D 145 -18.99 40.35 -15.82
CA ALA D 145 -20.15 41.25 -15.66
C ALA D 145 -19.71 42.69 -15.56
N MET D 146 -18.68 42.94 -14.77
CA MET D 146 -18.13 44.28 -14.67
C MET D 146 -17.56 44.71 -16.00
N GLU D 147 -16.57 43.99 -16.53
CA GLU D 147 -16.12 44.28 -17.89
C GLU D 147 -17.29 44.58 -18.83
N ALA D 148 -18.44 43.99 -18.61
CA ALA D 148 -19.56 44.17 -19.51
C ALA D 148 -20.54 45.25 -19.07
N GLY D 149 -20.19 46.00 -18.02
CA GLY D 149 -21.08 47.02 -17.45
C GLY D 149 -22.46 46.48 -17.12
N LEU D 150 -22.52 45.48 -16.24
CA LEU D 150 -23.76 44.85 -15.89
C LEU D 150 -23.95 44.79 -14.36
N ARG D 151 -24.72 45.74 -13.81
CA ARG D 151 -25.01 45.74 -12.37
C ARG D 151 -26.04 44.67 -12.01
N ILE D 152 -25.58 43.61 -11.34
CA ILE D 152 -26.44 42.54 -10.82
C ILE D 152 -26.35 42.46 -9.31
N ALA D 153 -27.47 42.19 -8.66
CA ALA D 153 -27.47 42.21 -7.21
C ALA D 153 -27.19 40.82 -6.65
N PRO D 154 -26.54 40.75 -5.49
CA PRO D 154 -26.30 39.50 -4.81
C PRO D 154 -27.46 38.55 -4.88
N ASP D 155 -28.67 39.00 -4.58
CA ASP D 155 -29.79 38.06 -4.57
C ASP D 155 -29.90 37.29 -5.91
N GLN D 156 -29.61 37.96 -7.02
CA GLN D 156 -29.71 37.34 -8.36
C GLN D 156 -28.49 36.46 -8.70
N TRP D 157 -27.30 36.99 -8.43
CA TRP D 157 -26.10 36.17 -8.50
C TRP D 157 -26.35 34.83 -7.85
N SER D 158 -26.75 34.82 -6.59
CA SER D 158 -27.03 33.55 -5.90
C SER D 158 -28.07 32.71 -6.63
N SER D 159 -29.02 33.32 -7.30
CA SER D 159 -29.89 32.52 -8.15
C SER D 159 -29.07 31.91 -9.29
N LEU D 160 -28.49 32.79 -10.10
CA LEU D 160 -27.75 32.40 -11.30
C LEU D 160 -26.71 31.30 -11.10
N LEU D 161 -25.95 31.39 -10.01
CA LEU D 161 -24.78 30.52 -9.82
C LEU D 161 -25.03 29.32 -8.93
N TYR D 162 -25.99 29.40 -8.02
CA TYR D 162 -26.29 28.29 -7.12
C TYR D 162 -27.71 27.77 -7.17
N GLY D 163 -28.53 28.35 -8.06
CA GLY D 163 -29.90 27.90 -8.24
C GLY D 163 -30.74 28.11 -7.00
N ASP D 164 -30.34 29.04 -6.14
CA ASP D 164 -31.03 29.28 -4.87
C ASP D 164 -30.60 30.61 -4.23
N GLN D 165 -31.13 30.90 -3.04
CA GLN D 165 -30.84 32.16 -2.36
C GLN D 165 -29.84 32.03 -1.23
N SER D 166 -29.23 30.86 -1.12
CA SER D 166 -28.38 30.52 0.02
C SER D 166 -27.01 31.17 0.00
N HIS D 167 -26.69 31.94 -1.04
CA HIS D 167 -25.34 32.45 -1.24
C HIS D 167 -25.27 33.95 -1.52
N LYS D 168 -26.26 34.74 -1.09
CA LYS D 168 -26.17 36.20 -1.27
C LYS D 168 -24.93 36.76 -0.53
N SER D 169 -24.78 36.31 0.71
CA SER D 169 -23.71 36.82 1.56
C SER D 169 -22.40 36.59 0.86
N HIS D 170 -22.23 35.34 0.43
CA HIS D 170 -21.07 34.95 -0.32
C HIS D 170 -20.89 35.91 -1.50
N MET D 171 -21.92 36.07 -2.33
CA MET D 171 -21.80 36.87 -3.54
C MET D 171 -21.53 38.34 -3.25
N GLN D 172 -22.24 38.87 -2.26
CA GLN D 172 -21.99 40.24 -1.84
C GLN D 172 -20.51 40.43 -1.50
N SER D 173 -19.93 39.46 -0.78
CA SER D 173 -18.51 39.53 -0.41
C SER D 173 -17.59 39.58 -1.62
N ILE D 174 -17.94 38.78 -2.62
CA ILE D 174 -17.19 38.72 -3.86
C ILE D 174 -17.23 40.09 -4.54
N ILE D 175 -18.44 40.59 -4.73
CA ILE D 175 -18.61 41.89 -5.37
C ILE D 175 -17.79 42.98 -4.67
N ASP D 176 -17.90 43.04 -3.34
CA ASP D 176 -17.22 44.08 -2.56
C ASP D 176 -15.70 43.93 -2.68
N LYS D 177 -15.20 42.69 -2.61
CA LYS D 177 -13.74 42.45 -2.62
C LYS D 177 -13.09 42.72 -3.99
N LEU D 178 -13.91 42.88 -5.03
CA LEU D 178 -13.42 43.42 -6.30
C LEU D 178 -13.38 44.93 -6.17
N GLN D 179 -14.51 45.52 -5.82
CA GLN D 179 -14.64 46.99 -5.79
C GLN D 179 -13.79 47.60 -4.66
#